data_9ATT
#
_entry.id   9ATT
#
_cell.length_a   49.813
_cell.length_b   106.234
_cell.length_c   58.032
_cell.angle_alpha   90.00
_cell.angle_beta   108.98
_cell.angle_gamma   90.00
#
_symmetry.space_group_name_H-M   'P 1 21 1'
#
loop_
_entity.id
_entity.type
_entity.pdbx_description
1 polymer '3C-like proteinase nsp5'
2 non-polymer '(1S,2S)-2-{[N-({[(2R)-1-(cyclohexylmethyl)-5-oxopyrrolidin-2-yl]methoxy}carbonyl)-L-leucyl]amino}-1-hydroxy-3-[(3S)-2-oxopyrrolidin-3-yl]propane-1-sulfonic acid'
3 non-polymer '(1R,2S)-2-{[N-({[(2R)-1-(cyclohexylmethyl)-5-oxopyrrolidin-2-yl]methoxy}carbonyl)-L-leucyl]amino}-1-hydroxy-3-[(3S)-2-oxopyrrolidin-3-yl]propane-1-sulfonic acid'
4 water water
#
_entity_poly.entity_id   1
_entity_poly.type   'polypeptide(L)'
_entity_poly.pdbx_seq_one_letter_code
;MHHHHHHSGLVKMSHPSGDVEACMVQVTCGSMTLNGLWLDNTVWCPRHVMCPADQLSDPNYDALLISMTNHSFSVQKHIG
APANLRVVGHAMQGTLLKLTVDVANPSTPAYTFTTVKPGAAFSVLACYNGRPTGTFTVVMRPNYTIKGSFLCGSCGSVGY
TKEGSVINFCYMHQMELANGTHTGSAFDGTMYGAFMDKQVHQVQLTDKYCSVNVVAWLYAAILNGCAWFVKPNRTSVVSF
NEWALANQFTEFVGTQSVDMLAVKTGVAIEQLLYAIQQLYTGFQGKQILGSTMLEDEFTPEDVNMQIMGVVMQ
;
_entity_poly.pdbx_strand_id   A,B
#
# COMPACT_ATOMS: atom_id res chain seq x y z
N HIS A 6 -31.37 -22.15 -7.49
CA HIS A 6 -30.14 -22.61 -8.15
C HIS A 6 -28.90 -22.05 -7.45
N HIS A 7 -28.02 -22.95 -6.99
CA HIS A 7 -26.80 -22.54 -6.33
C HIS A 7 -25.75 -22.12 -7.35
N SER A 8 -25.06 -21.01 -7.06
CA SER A 8 -24.10 -20.42 -7.99
C SER A 8 -22.81 -21.23 -8.14
N GLY A 9 -22.51 -22.12 -7.20
CA GLY A 9 -21.20 -22.73 -7.11
C GLY A 9 -20.14 -21.85 -6.47
N LEU A 10 -20.50 -20.69 -5.94
CA LEU A 10 -19.54 -19.81 -5.28
C LEU A 10 -19.63 -19.97 -3.78
N VAL A 11 -18.48 -20.20 -3.14
CA VAL A 11 -18.37 -20.17 -1.68
C VAL A 11 -17.21 -19.26 -1.35
N LYS A 12 -17.15 -18.83 -0.10
CA LYS A 12 -15.96 -18.17 0.43
C LYS A 12 -14.88 -19.22 0.59
N MET A 13 -13.88 -19.20 -0.29
N MET A 13 -13.93 -19.26 -0.34
CA MET A 13 -12.87 -20.25 -0.41
CA MET A 13 -12.90 -20.28 -0.35
C MET A 13 -11.51 -19.74 0.03
C MET A 13 -11.58 -19.69 0.13
N SER A 14 -10.95 -20.36 1.08
CA SER A 14 -9.61 -20.03 1.55
C SER A 14 -8.58 -21.00 0.98
N HIS A 15 -7.31 -20.60 1.05
CA HIS A 15 -6.24 -21.53 0.74
C HIS A 15 -6.16 -22.60 1.83
N PRO A 16 -5.69 -23.80 1.49
CA PRO A 16 -5.35 -24.77 2.54
C PRO A 16 -4.31 -24.13 3.46
N SER A 17 -4.48 -24.31 4.76
CA SER A 17 -3.67 -23.54 5.72
C SER A 17 -2.47 -24.27 6.29
N GLY A 18 -2.26 -25.55 5.95
CA GLY A 18 -1.22 -26.35 6.60
C GLY A 18 0.16 -25.71 6.58
N ASP A 19 0.56 -25.20 5.41
CA ASP A 19 1.90 -24.61 5.31
C ASP A 19 2.08 -23.44 6.27
N VAL A 20 1.01 -22.66 6.51
CA VAL A 20 1.11 -21.51 7.41
C VAL A 20 0.98 -21.93 8.86
N GLU A 21 0.16 -22.96 9.14
CA GLU A 21 0.04 -23.45 10.52
C GLU A 21 1.41 -23.80 11.08
N ALA A 22 2.28 -24.36 10.24
CA ALA A 22 3.59 -24.83 10.69
C ALA A 22 4.54 -23.69 11.04
N CYS A 23 4.14 -22.45 10.80
CA CYS A 23 4.96 -21.28 11.06
C CYS A 23 4.48 -20.49 12.26
N MET A 24 3.33 -20.87 12.82
CA MET A 24 2.72 -20.03 13.87
C MET A 24 3.34 -20.30 15.23
N VAL A 25 3.61 -19.23 15.96
CA VAL A 25 4.19 -19.39 17.32
C VAL A 25 3.50 -18.46 18.30
N GLN A 26 3.79 -18.65 19.58
CA GLN A 26 3.35 -17.74 20.63
C GLN A 26 4.54 -16.90 21.07
N VAL A 27 4.34 -15.58 21.13
CA VAL A 27 5.37 -14.67 21.62
C VAL A 27 4.90 -14.10 22.95
N THR A 28 5.76 -14.19 23.97
CA THR A 28 5.42 -13.63 25.26
C THR A 28 6.50 -12.64 25.66
N CYS A 29 6.08 -11.50 26.20
CA CYS A 29 6.97 -10.45 26.67
C CYS A 29 6.36 -10.03 28.01
N GLY A 30 6.64 -10.82 29.05
CA GLY A 30 6.14 -10.51 30.39
C GLY A 30 4.71 -10.93 30.59
N SER A 31 3.87 -10.01 31.06
CA SER A 31 2.44 -10.28 31.19
C SER A 31 1.71 -10.23 29.86
N MET A 32 2.42 -10.00 28.77
CA MET A 32 1.84 -9.79 27.45
C MET A 32 2.16 -10.98 26.57
N THR A 33 1.16 -11.46 25.84
CA THR A 33 1.35 -12.54 24.89
C THR A 33 0.47 -12.32 23.68
N LEU A 34 0.93 -12.84 22.54
CA LEU A 34 0.16 -12.86 21.30
C LEU A 34 0.85 -13.82 20.34
N ASN A 35 0.43 -13.82 19.07
CA ASN A 35 0.97 -14.76 18.09
C ASN A 35 2.07 -14.14 17.25
N GLY A 36 2.97 -15.00 16.77
CA GLY A 36 4.04 -14.59 15.87
C GLY A 36 4.14 -15.54 14.69
N LEU A 37 4.88 -15.10 13.68
CA LEU A 37 5.13 -15.87 12.46
C LEU A 37 6.62 -16.17 12.37
N TRP A 38 6.96 -17.46 12.36
CA TRP A 38 8.35 -17.94 12.37
C TRP A 38 8.74 -18.39 10.97
N LEU A 39 9.63 -17.62 10.32
CA LEU A 39 10.12 -17.92 8.98
C LEU A 39 11.63 -17.79 8.98
N ASP A 40 12.31 -18.81 8.48
CA ASP A 40 13.79 -18.83 8.52
C ASP A 40 14.19 -18.58 9.97
N ASN A 41 15.12 -17.66 10.24
CA ASN A 41 15.55 -17.34 11.59
C ASN A 41 14.82 -16.13 12.17
N THR A 42 13.68 -15.76 11.62
CA THR A 42 13.00 -14.55 12.06
C THR A 42 11.60 -14.88 12.60
N VAL A 43 11.21 -14.20 13.68
CA VAL A 43 9.85 -14.27 14.19
C VAL A 43 9.25 -12.87 14.14
N TRP A 44 8.12 -12.74 13.46
CA TRP A 44 7.43 -11.46 13.31
C TRP A 44 6.24 -11.41 14.26
N CYS A 45 6.06 -10.28 14.95
CA CYS A 45 4.86 -10.14 15.77
C CYS A 45 4.54 -8.66 15.95
N PRO A 46 3.30 -8.33 16.38
CA PRO A 46 2.95 -6.92 16.62
C PRO A 46 3.75 -6.34 17.78
N ARG A 47 4.21 -5.11 17.60
CA ARG A 47 5.07 -4.52 18.61
C ARG A 47 4.33 -4.19 19.90
N HIS A 48 2.99 -4.16 19.91
CA HIS A 48 2.37 -3.84 21.20
C HIS A 48 2.44 -4.99 22.19
N VAL A 49 3.09 -6.11 21.84
CA VAL A 49 3.38 -7.11 22.85
C VAL A 49 4.32 -6.54 23.92
N MET A 50 5.01 -5.44 23.59
CA MET A 50 5.94 -4.77 24.51
C MET A 50 5.25 -3.86 25.51
N CYS A 51 4.00 -3.51 25.27
CA CYS A 51 3.41 -2.39 25.99
C CYS A 51 2.66 -2.86 27.22
N PRO A 52 2.90 -2.26 28.39
CA PRO A 52 2.08 -2.58 29.56
C PRO A 52 0.62 -2.19 29.33
N ALA A 53 -0.27 -2.88 30.02
CA ALA A 53 -1.70 -2.63 29.84
C ALA A 53 -2.06 -1.17 30.11
N ASP A 54 -1.53 -0.60 31.19
CA ASP A 54 -1.83 0.77 31.57
C ASP A 54 -1.09 1.80 30.73
N GLN A 55 -0.65 1.43 29.53
CA GLN A 55 0.06 2.36 28.65
C GLN A 55 -0.37 2.25 27.19
N LEU A 56 -1.27 1.33 26.85
CA LEU A 56 -1.60 1.12 25.45
C LEU A 56 -2.25 2.34 24.79
N SER A 57 -2.72 3.32 25.57
CA SER A 57 -3.35 4.49 24.98
C SER A 57 -2.35 5.44 24.35
N ASP A 58 -1.12 5.49 24.87
CA ASP A 58 -0.06 6.31 24.28
C ASP A 58 1.29 5.71 24.65
N PRO A 59 1.69 4.64 23.99
CA PRO A 59 3.02 4.07 24.23
C PRO A 59 4.12 4.88 23.56
N ASN A 60 5.32 4.78 24.11
CA ASN A 60 6.53 5.24 23.43
C ASN A 60 7.26 3.99 23.00
N TYR A 61 6.95 3.52 21.79
CA TYR A 61 7.50 2.25 21.33
C TYR A 61 9.02 2.29 21.20
N ASP A 62 9.58 3.45 20.88
CA ASP A 62 11.04 3.56 20.82
C ASP A 62 11.67 3.27 22.18
N ALA A 63 11.11 3.87 23.24
CA ALA A 63 11.65 3.65 24.59
C ALA A 63 11.37 2.23 25.06
N LEU A 64 10.20 1.69 24.74
CA LEU A 64 9.91 0.30 25.13
C LEU A 64 10.87 -0.67 24.46
N LEU A 65 11.23 -0.43 23.19
CA LEU A 65 12.17 -1.32 22.54
C LEU A 65 13.54 -1.25 23.19
N ILE A 66 14.01 -0.04 23.51
CA ILE A 66 15.30 0.10 24.18
C ILE A 66 15.31 -0.65 25.51
N SER A 67 14.20 -0.62 26.23
CA SER A 67 14.10 -1.26 27.54
C SER A 67 14.16 -2.78 27.46
N MET A 68 13.88 -3.36 26.29
CA MET A 68 13.91 -4.81 26.20
C MET A 68 15.32 -5.32 25.96
N THR A 69 15.53 -6.58 26.33
CA THR A 69 16.69 -7.36 25.96
C THR A 69 16.20 -8.60 25.24
N ASN A 70 17.14 -9.36 24.65
CA ASN A 70 16.77 -10.60 23.98
C ASN A 70 16.08 -11.57 24.94
N HIS A 71 16.55 -11.63 26.18
CA HIS A 71 15.94 -12.51 27.18
C HIS A 71 14.57 -12.05 27.63
N SER A 72 14.11 -10.88 27.19
CA SER A 72 12.78 -10.42 27.53
C SER A 72 11.69 -11.11 26.72
N PHE A 73 12.04 -11.85 25.68
CA PHE A 73 11.06 -12.46 24.80
C PHE A 73 11.10 -13.98 24.95
N SER A 74 9.93 -14.59 24.97
CA SER A 74 9.80 -16.04 24.97
C SER A 74 8.99 -16.42 23.74
N VAL A 75 9.56 -17.27 22.87
CA VAL A 75 8.91 -17.67 21.64
C VAL A 75 8.70 -19.18 21.69
N GLN A 76 7.45 -19.64 21.55
CA GLN A 76 7.15 -21.05 21.67
C GLN A 76 6.32 -21.56 20.52
N LYS A 77 6.69 -22.71 20.00
CA LYS A 77 5.87 -23.43 19.04
C LYS A 77 5.15 -24.55 19.80
N HIS A 78 3.82 -24.55 19.76
CA HIS A 78 3.03 -25.52 20.52
C HIS A 78 2.55 -26.68 19.70
N ILE A 79 2.28 -26.49 18.41
CA ILE A 79 1.65 -27.51 17.60
C ILE A 79 2.75 -28.27 16.86
N GLY A 80 2.39 -29.44 16.34
CA GLY A 80 3.40 -30.26 15.68
C GLY A 80 4.50 -30.64 16.65
N ALA A 81 5.75 -30.55 16.19
CA ALA A 81 6.90 -30.74 17.06
C ALA A 81 7.14 -29.47 17.87
N PRO A 82 6.92 -29.48 19.18
CA PRO A 82 7.05 -28.23 19.95
C PRO A 82 8.49 -27.76 19.96
N ALA A 83 8.65 -26.46 20.17
CA ALA A 83 9.96 -25.86 20.21
C ALA A 83 9.92 -24.64 21.10
N ASN A 84 11.02 -24.40 21.80
CA ASN A 84 11.25 -23.13 22.45
C ASN A 84 12.43 -22.45 21.77
N LEU A 85 12.21 -21.24 21.32
CA LEU A 85 13.12 -20.54 20.44
C LEU A 85 13.84 -19.46 21.23
N ARG A 86 15.16 -19.52 21.25
CA ARG A 86 15.93 -18.52 21.99
C ARG A 86 16.12 -17.32 21.07
N VAL A 87 15.70 -16.15 21.55
CA VAL A 87 15.85 -14.90 20.80
C VAL A 87 17.28 -14.41 20.90
N VAL A 88 17.92 -14.16 19.76
CA VAL A 88 19.30 -13.70 19.76
C VAL A 88 19.45 -12.30 19.16
N GLY A 89 18.34 -11.64 18.87
CA GLY A 89 18.36 -10.29 18.32
C GLY A 89 16.94 -9.78 18.29
N HIS A 90 16.75 -8.48 18.47
CA HIS A 90 15.41 -7.90 18.39
C HIS A 90 15.46 -6.55 17.72
N ALA A 91 14.49 -6.28 16.84
CA ALA A 91 14.44 -5.00 16.14
C ALA A 91 12.98 -4.64 15.89
N MET A 92 12.74 -3.37 15.63
CA MET A 92 11.43 -2.85 15.25
C MET A 92 11.40 -2.44 13.79
N GLN A 93 10.32 -2.77 13.11
CA GLN A 93 10.08 -2.24 11.78
C GLN A 93 8.63 -1.79 11.73
N GLY A 94 8.43 -0.48 11.75
CA GLY A 94 7.08 0.05 11.81
C GLY A 94 6.35 -0.48 13.02
N THR A 95 5.20 -1.10 12.79
CA THR A 95 4.34 -1.60 13.85
C THR A 95 4.60 -3.05 14.20
N LEU A 96 5.68 -3.64 13.68
CA LEU A 96 6.05 -5.03 13.93
C LEU A 96 7.38 -5.12 14.67
N LEU A 97 7.51 -6.17 15.47
CA LEU A 97 8.82 -6.61 15.95
C LEU A 97 9.37 -7.67 15.02
N LYS A 98 10.69 -7.62 14.79
CA LYS A 98 11.44 -8.65 14.09
C LYS A 98 12.37 -9.26 15.14
N LEU A 99 12.06 -10.47 15.59
CA LEU A 99 12.93 -11.19 16.52
C LEU A 99 13.76 -12.21 15.76
N THR A 100 15.07 -12.16 15.94
CA THR A 100 15.97 -13.16 15.40
C THR A 100 16.12 -14.30 16.40
N VAL A 101 15.96 -15.53 15.92
CA VAL A 101 16.02 -16.70 16.79
C VAL A 101 17.17 -17.59 16.35
N ASP A 102 17.52 -18.54 17.22
CA ASP A 102 18.71 -19.36 17.03
C ASP A 102 18.51 -20.53 16.09
N VAL A 103 17.26 -20.87 15.78
CA VAL A 103 16.92 -22.02 14.95
C VAL A 103 16.11 -21.52 13.76
N ALA A 104 16.48 -21.95 12.56
CA ALA A 104 15.67 -21.69 11.38
C ALA A 104 14.48 -22.65 11.36
N ASN A 105 13.29 -22.12 11.12
CA ASN A 105 12.12 -22.98 11.07
C ASN A 105 12.30 -24.05 10.00
N PRO A 106 12.33 -25.34 10.36
CA PRO A 106 12.55 -26.38 9.35
C PRO A 106 11.38 -26.52 8.40
N SER A 107 10.22 -25.98 8.76
CA SER A 107 9.03 -26.01 7.94
C SER A 107 8.80 -24.72 7.18
N THR A 108 9.82 -23.87 7.05
CA THR A 108 9.64 -22.63 6.30
C THR A 108 9.21 -22.91 4.87
N PRO A 109 8.05 -22.43 4.42
CA PRO A 109 7.64 -22.65 3.04
C PRO A 109 8.36 -21.65 2.13
N ALA A 110 8.21 -21.84 0.82
CA ALA A 110 8.64 -20.79 -0.09
C ALA A 110 7.71 -19.60 0.11
N TYR A 111 8.26 -18.40 0.27
CA TYR A 111 7.37 -17.29 0.62
C TYR A 111 7.91 -15.96 0.10
N THR A 112 7.02 -14.98 0.04
CA THR A 112 7.35 -13.58 -0.17
C THR A 112 6.50 -12.74 0.79
N PHE A 113 6.82 -11.45 0.84
CA PHE A 113 5.97 -10.46 1.49
C PHE A 113 5.40 -9.54 0.42
N THR A 114 4.11 -9.25 0.53
CA THR A 114 3.46 -8.38 -0.44
C THR A 114 2.38 -7.58 0.28
N THR A 115 2.00 -6.47 -0.31
CA THR A 115 0.85 -5.72 0.18
C THR A 115 -0.35 -6.00 -0.72
N VAL A 116 -1.52 -6.11 -0.11
CA VAL A 116 -2.74 -6.38 -0.85
CA VAL A 116 -2.76 -6.39 -0.82
C VAL A 116 -3.46 -5.07 -1.09
N LYS A 117 -4.20 -5.01 -2.19
CA LYS A 117 -4.89 -3.78 -2.56
C LYS A 117 -6.39 -3.91 -2.33
N PRO A 118 -7.08 -2.78 -2.20
CA PRO A 118 -8.53 -2.83 -1.98
C PRO A 118 -9.23 -3.65 -3.06
N GLY A 119 -10.16 -4.50 -2.61
CA GLY A 119 -10.88 -5.39 -3.51
C GLY A 119 -10.24 -6.74 -3.69
N ALA A 120 -8.97 -6.90 -3.31
CA ALA A 120 -8.31 -8.18 -3.45
C ALA A 120 -8.64 -9.06 -2.24
N ALA A 121 -8.69 -10.36 -2.48
CA ALA A 121 -9.01 -11.35 -1.46
C ALA A 121 -7.74 -11.97 -0.91
N PHE A 122 -7.78 -12.33 0.37
CA PHE A 122 -6.70 -13.14 0.92
C PHE A 122 -7.26 -14.04 2.02
N SER A 123 -6.47 -15.03 2.39
CA SER A 123 -6.82 -16.02 3.41
C SER A 123 -6.23 -15.60 4.75
N VAL A 124 -6.97 -15.84 5.83
CA VAL A 124 -6.54 -15.48 7.19
C VAL A 124 -6.52 -16.74 8.03
N LEU A 125 -5.47 -16.90 8.83
CA LEU A 125 -5.37 -18.01 9.78
C LEU A 125 -5.49 -17.38 11.16
N ALA A 126 -6.66 -17.49 11.76
CA ALA A 126 -6.90 -16.93 13.09
C ALA A 126 -6.30 -17.86 14.14
N CYS A 127 -5.49 -17.28 15.04
CA CYS A 127 -4.71 -18.01 16.02
C CYS A 127 -4.87 -17.37 17.38
N TYR A 128 -4.79 -18.20 18.42
CA TYR A 128 -4.83 -17.76 19.81
C TYR A 128 -3.76 -18.52 20.58
N ASN A 129 -2.89 -17.80 21.30
CA ASN A 129 -1.85 -18.42 22.10
C ASN A 129 -0.94 -19.30 21.26
N GLY A 130 -0.68 -18.87 20.02
CA GLY A 130 0.14 -19.63 19.09
C GLY A 130 -0.54 -20.83 18.48
N ARG A 131 -1.84 -21.04 18.72
CA ARG A 131 -2.53 -22.21 18.17
C ARG A 131 -3.56 -21.81 17.13
N PRO A 132 -3.40 -22.27 15.89
CA PRO A 132 -4.42 -21.99 14.86
C PRO A 132 -5.77 -22.54 15.26
N THR A 133 -6.80 -21.69 15.09
CA THR A 133 -8.14 -22.10 15.48
CA THR A 133 -8.16 -22.00 15.50
C THR A 133 -9.16 -22.02 14.35
N GLY A 134 -8.94 -21.24 13.31
CA GLY A 134 -9.86 -21.22 12.19
C GLY A 134 -9.27 -20.47 11.02
N THR A 135 -9.88 -20.68 9.84
CA THR A 135 -9.45 -19.95 8.67
C THR A 135 -10.67 -19.40 7.92
N PHE A 136 -10.49 -18.25 7.28
CA PHE A 136 -11.56 -17.62 6.54
C PHE A 136 -10.90 -16.75 5.48
N THR A 137 -11.69 -16.28 4.52
CA THR A 137 -11.18 -15.38 3.51
C THR A 137 -11.90 -14.05 3.59
N VAL A 138 -11.16 -12.97 3.29
CA VAL A 138 -11.71 -11.62 3.30
C VAL A 138 -11.21 -10.90 2.07
N VAL A 139 -11.91 -9.81 1.73
CA VAL A 139 -11.49 -8.87 0.71
CA VAL A 139 -11.46 -8.87 0.72
C VAL A 139 -11.04 -7.60 1.42
N MET A 140 -9.87 -7.06 1.04
CA MET A 140 -9.47 -5.77 1.59
C MET A 140 -10.43 -4.69 1.12
N ARG A 141 -11.04 -3.98 2.07
CA ARG A 141 -12.06 -2.99 1.72
C ARG A 141 -11.39 -1.71 1.20
N PRO A 142 -12.13 -0.91 0.44
CA PRO A 142 -11.58 0.38 -0.02
C PRO A 142 -11.17 1.32 1.10
N ASN A 143 -11.63 1.12 2.33
CA ASN A 143 -11.15 1.93 3.45
C ASN A 143 -10.08 1.22 4.27
N TYR A 144 -9.49 0.16 3.73
CA TYR A 144 -8.33 -0.51 4.32
C TYR A 144 -8.65 -1.18 5.64
N THR A 145 -9.88 -1.63 5.79
CA THR A 145 -10.29 -2.54 6.85
C THR A 145 -10.68 -3.87 6.20
N ILE A 146 -10.86 -4.88 7.04
CA ILE A 146 -11.42 -6.15 6.61
C ILE A 146 -12.54 -6.51 7.56
N LYS A 147 -13.56 -7.18 7.01
CA LYS A 147 -14.68 -7.65 7.83
C LYS A 147 -14.33 -9.04 8.29
N GLY A 148 -13.59 -9.11 9.39
CA GLY A 148 -13.03 -10.35 9.87
C GLY A 148 -13.76 -10.90 11.09
N SER A 149 -13.11 -11.84 11.73
CA SER A 149 -13.62 -12.52 12.93
C SER A 149 -12.41 -12.70 13.85
N PHE A 150 -12.25 -11.75 14.78
CA PHE A 150 -11.05 -11.70 15.62
C PHE A 150 -11.46 -11.31 17.02
N LEU A 151 -10.93 -12.02 18.01
CA LEU A 151 -11.23 -11.79 19.42
C LEU A 151 -9.95 -11.38 20.14
N CYS A 152 -10.09 -11.01 21.40
CA CYS A 152 -8.92 -10.79 22.24
CA CYS A 152 -8.93 -10.79 22.26
C CYS A 152 -7.95 -11.95 22.14
N GLY A 153 -6.66 -11.63 21.95
CA GLY A 153 -5.62 -12.63 21.82
C GLY A 153 -5.33 -13.10 20.41
N SER A 154 -6.00 -12.55 19.39
CA SER A 154 -5.82 -12.95 18.00
C SER A 154 -4.73 -12.15 17.29
N CYS A 155 -4.21 -11.09 17.91
CA CYS A 155 -3.22 -10.28 17.23
C CYS A 155 -2.01 -11.12 16.86
N GLY A 156 -1.42 -10.81 15.73
CA GLY A 156 -0.39 -11.66 15.21
C GLY A 156 -0.91 -12.75 14.29
N SER A 157 -2.23 -12.97 14.21
CA SER A 157 -2.78 -13.84 13.17
C SER A 157 -2.39 -13.29 11.80
N VAL A 158 -2.24 -14.17 10.80
CA VAL A 158 -1.65 -13.73 9.54
C VAL A 158 -2.60 -13.95 8.38
N GLY A 159 -2.47 -13.07 7.38
CA GLY A 159 -3.20 -13.22 6.12
C GLY A 159 -2.21 -13.40 4.99
N TYR A 160 -2.64 -14.12 3.95
CA TYR A 160 -1.73 -14.48 2.87
C TYR A 160 -2.51 -14.81 1.62
N THR A 161 -1.83 -14.65 0.48
CA THR A 161 -2.25 -15.23 -0.80
C THR A 161 -1.25 -16.31 -1.21
N LYS A 162 -1.55 -17.03 -2.30
CA LYS A 162 -0.64 -18.06 -2.78
C LYS A 162 -0.50 -17.94 -4.29
N GLU A 163 0.74 -18.06 -4.76
CA GLU A 163 1.08 -18.07 -6.19
C GLU A 163 1.81 -19.38 -6.39
N GLY A 164 1.12 -20.38 -6.94
CA GLY A 164 1.69 -21.72 -6.97
C GLY A 164 1.87 -22.23 -5.55
N SER A 165 3.08 -22.67 -5.24
CA SER A 165 3.41 -23.12 -3.90
C SER A 165 4.03 -22.02 -3.05
N VAL A 166 4.18 -20.81 -3.59
CA VAL A 166 4.77 -19.70 -2.84
C VAL A 166 3.66 -18.99 -2.07
N ILE A 167 3.87 -18.82 -0.77
CA ILE A 167 2.95 -18.08 0.08
C ILE A 167 3.39 -16.63 0.12
N ASN A 168 2.46 -15.71 -0.19
CA ASN A 168 2.74 -14.28 -0.12
C ASN A 168 2.04 -13.72 1.11
N PHE A 169 2.80 -13.53 2.18
CA PHE A 169 2.24 -13.00 3.41
C PHE A 169 1.94 -11.52 3.25
N CYS A 170 0.72 -11.12 3.58
CA CYS A 170 0.29 -9.75 3.31
C CYS A 170 -0.30 -9.02 4.50
N TYR A 171 -0.57 -9.69 5.62
CA TYR A 171 -1.35 -9.10 6.70
C TYR A 171 -0.96 -9.72 8.02
N MET A 172 -0.80 -8.88 9.06
CA MET A 172 -0.75 -9.48 10.39
C MET A 172 -1.59 -8.62 11.33
N HIS A 173 -2.46 -9.29 12.08
CA HIS A 173 -3.61 -8.65 12.68
C HIS A 173 -3.19 -7.77 13.86
N GLN A 174 -3.80 -6.60 13.94
CA GLN A 174 -3.50 -5.63 14.99
C GLN A 174 -4.68 -5.16 15.81
N MET A 175 -5.88 -5.04 15.24
CA MET A 175 -6.91 -4.28 15.95
C MET A 175 -8.29 -4.39 15.32
N GLU A 176 -9.29 -4.07 16.15
CA GLU A 176 -10.69 -3.99 15.76
C GLU A 176 -11.13 -2.53 15.91
N LEU A 177 -11.84 -2.04 14.92
CA LEU A 177 -12.30 -0.66 14.90
C LEU A 177 -13.68 -0.56 15.54
N ALA A 178 -14.13 0.69 15.73
CA ALA A 178 -15.40 0.97 16.38
C ALA A 178 -16.58 0.32 15.67
N ASN A 179 -16.55 0.20 14.34
CA ASN A 179 -17.65 -0.37 13.59
C ASN A 179 -17.58 -1.90 13.47
N GLY A 180 -16.68 -2.54 14.21
CA GLY A 180 -16.57 -3.98 14.19
C GLY A 180 -15.67 -4.54 13.12
N THR A 181 -15.15 -3.71 12.22
CA THR A 181 -14.21 -4.23 11.23
C THR A 181 -12.79 -4.22 11.83
N HIS A 182 -11.83 -4.65 11.02
CA HIS A 182 -10.51 -5.02 11.54
C HIS A 182 -9.40 -4.49 10.64
N THR A 183 -8.22 -4.26 11.22
CA THR A 183 -7.08 -3.93 10.39
C THR A 183 -5.78 -4.36 11.05
N GLY A 184 -4.71 -4.27 10.28
CA GLY A 184 -3.45 -4.87 10.64
C GLY A 184 -2.34 -4.29 9.79
N SER A 185 -1.16 -4.87 9.94
CA SER A 185 0.06 -4.39 9.29
C SER A 185 0.37 -5.22 8.06
N ALA A 186 1.04 -4.59 7.10
CA ALA A 186 1.83 -5.35 6.15
C ALA A 186 3.17 -5.73 6.77
N PHE A 187 3.89 -6.64 6.13
CA PHE A 187 5.14 -7.07 6.75
C PHE A 187 6.30 -6.12 6.48
N ASP A 188 6.06 -5.01 5.80
CA ASP A 188 6.99 -3.89 5.89
C ASP A 188 6.74 -3.03 7.14
N GLY A 189 5.82 -3.43 8.01
CA GLY A 189 5.56 -2.74 9.24
C GLY A 189 4.56 -1.61 9.16
N THR A 190 4.10 -1.26 7.96
CA THR A 190 3.08 -0.21 7.86
C THR A 190 1.71 -0.77 8.14
N MET A 191 0.86 0.04 8.77
N MET A 191 0.88 0.04 8.79
CA MET A 191 -0.53 -0.35 8.96
CA MET A 191 -0.53 -0.28 8.95
C MET A 191 -1.33 -0.06 7.70
C MET A 191 -1.24 -0.13 7.60
N TYR A 192 -2.28 -0.96 7.39
CA TYR A 192 -3.17 -0.70 6.27
C TYR A 192 -4.02 0.52 6.62
N GLY A 193 -4.13 1.45 5.68
CA GLY A 193 -4.90 2.66 5.95
C GLY A 193 -4.15 3.62 6.86
N ALA A 194 -4.89 4.55 7.46
CA ALA A 194 -4.26 5.61 8.25
C ALA A 194 -4.26 5.30 9.75
N PHE A 195 -4.28 4.03 10.13
CA PHE A 195 -4.50 3.64 11.52
C PHE A 195 -3.19 3.57 12.29
N MET A 196 -3.26 3.84 13.59
CA MET A 196 -2.10 3.70 14.48
C MET A 196 -2.35 2.60 15.52
N ASP A 197 -1.27 1.91 15.91
CA ASP A 197 -1.39 0.82 16.87
C ASP A 197 -1.34 1.36 18.31
N LYS A 198 -2.35 2.18 18.62
CA LYS A 198 -2.55 2.74 19.94
C LYS A 198 -4.00 2.48 20.36
N GLN A 199 -4.21 2.32 21.66
CA GLN A 199 -5.56 2.05 22.15
C GLN A 199 -6.29 3.38 22.33
N VAL A 200 -6.70 3.96 21.19
CA VAL A 200 -7.51 5.18 21.16
C VAL A 200 -8.57 5.00 20.07
N HIS A 201 -9.68 5.75 20.21
CA HIS A 201 -10.69 5.78 19.16
C HIS A 201 -10.10 6.43 17.91
N GLN A 202 -10.34 5.84 16.76
CA GLN A 202 -9.69 6.35 15.55
C GLN A 202 -10.69 6.68 14.46
N VAL A 203 -10.36 7.73 13.70
CA VAL A 203 -11.20 8.19 12.61
C VAL A 203 -11.23 7.10 11.54
N GLN A 204 -12.41 6.58 11.24
CA GLN A 204 -12.52 5.55 10.23
C GLN A 204 -13.13 6.11 8.95
N LEU A 205 -12.65 5.62 7.83
CA LEU A 205 -12.97 6.21 6.54
C LEU A 205 -14.15 5.49 5.91
N THR A 206 -14.76 6.15 4.93
N THR A 206 -14.76 6.13 4.92
CA THR A 206 -15.93 5.58 4.29
CA THR A 206 -15.98 5.61 4.32
C THR A 206 -15.54 4.36 3.48
C THR A 206 -15.68 4.48 3.35
N ASP A 207 -16.43 3.38 3.47
CA ASP A 207 -16.28 2.24 2.58
C ASP A 207 -17.01 2.52 1.26
N LYS A 208 -16.72 1.69 0.26
CA LYS A 208 -17.27 1.82 -1.07
C LYS A 208 -17.51 0.43 -1.65
N TYR A 209 -18.44 0.32 -2.59
CA TYR A 209 -18.58 -0.89 -3.40
C TYR A 209 -17.38 -1.09 -4.30
N CYS A 210 -16.83 -2.30 -4.32
CA CYS A 210 -15.71 -2.62 -5.21
CA CYS A 210 -15.72 -2.60 -5.21
C CYS A 210 -16.26 -2.98 -6.58
N SER A 211 -16.16 -2.04 -7.52
N SER A 211 -16.15 -2.06 -7.54
CA SER A 211 -16.83 -2.18 -8.81
CA SER A 211 -16.88 -2.22 -8.80
C SER A 211 -16.36 -3.43 -9.55
C SER A 211 -16.36 -3.39 -9.62
N VAL A 212 -15.05 -3.65 -9.60
CA VAL A 212 -14.53 -4.79 -10.37
C VAL A 212 -15.10 -6.09 -9.82
N ASN A 213 -15.37 -6.15 -8.51
CA ASN A 213 -15.92 -7.36 -7.91
C ASN A 213 -17.39 -7.52 -8.18
N VAL A 214 -18.13 -6.40 -8.23
CA VAL A 214 -19.53 -6.50 -8.63
C VAL A 214 -19.63 -7.03 -10.05
N VAL A 215 -18.76 -6.53 -10.94
CA VAL A 215 -18.74 -7.03 -12.31
C VAL A 215 -18.49 -8.54 -12.32
N ALA A 216 -17.52 -9.00 -11.53
CA ALA A 216 -17.24 -10.44 -11.50
C ALA A 216 -18.46 -11.22 -11.06
N TRP A 217 -19.17 -10.73 -10.05
CA TRP A 217 -20.35 -11.40 -9.53
C TRP A 217 -21.47 -11.44 -10.58
N LEU A 218 -21.63 -10.38 -11.36
CA LEU A 218 -22.62 -10.40 -12.44
C LEU A 218 -22.22 -11.39 -13.53
N TYR A 219 -20.92 -11.51 -13.82
CA TYR A 219 -20.46 -12.55 -14.74
C TYR A 219 -20.77 -13.94 -14.18
N ALA A 220 -20.55 -14.13 -12.87
CA ALA A 220 -20.89 -15.40 -12.25
C ALA A 220 -22.37 -15.74 -12.41
N ALA A 221 -23.24 -14.73 -12.31
CA ALA A 221 -24.66 -14.96 -12.53
C ALA A 221 -24.93 -15.39 -13.98
N ILE A 222 -24.32 -14.72 -14.96
CA ILE A 222 -24.44 -15.14 -16.34
C ILE A 222 -23.95 -16.56 -16.52
N LEU A 223 -22.80 -16.90 -15.89
CA LEU A 223 -22.27 -18.25 -16.04
C LEU A 223 -23.17 -19.30 -15.41
N ASN A 224 -24.10 -18.88 -14.56
CA ASN A 224 -25.13 -19.77 -14.04
C ASN A 224 -26.48 -19.64 -14.75
N GLY A 225 -26.54 -18.99 -15.89
CA GLY A 225 -27.78 -18.88 -16.65
C GLY A 225 -28.71 -17.78 -16.19
N CYS A 226 -28.26 -16.92 -15.28
CA CYS A 226 -29.07 -15.84 -14.73
C CYS A 226 -28.61 -14.57 -15.45
N ALA A 227 -29.40 -14.09 -16.40
CA ALA A 227 -28.92 -12.94 -17.18
C ALA A 227 -30.02 -11.94 -17.50
N TRP A 228 -31.06 -11.86 -16.66
CA TRP A 228 -32.18 -10.96 -16.95
C TRP A 228 -31.75 -9.50 -16.96
N PHE A 229 -30.67 -9.18 -16.26
CA PHE A 229 -30.17 -7.82 -16.15
C PHE A 229 -29.30 -7.39 -17.32
N VAL A 230 -28.98 -8.30 -18.24
CA VAL A 230 -28.11 -7.99 -19.38
C VAL A 230 -28.96 -7.41 -20.50
N LYS A 231 -28.57 -6.25 -20.97
CA LYS A 231 -29.30 -5.50 -21.99
C LYS A 231 -28.27 -5.11 -23.03
N PRO A 232 -28.70 -4.73 -24.23
CA PRO A 232 -27.71 -4.30 -25.23
C PRO A 232 -27.03 -3.00 -24.86
N ASN A 233 -27.64 -2.20 -23.98
CA ASN A 233 -27.10 -0.89 -23.60
C ASN A 233 -25.78 -1.03 -22.86
N ARG A 234 -24.92 -0.02 -23.04
CA ARG A 234 -23.56 -0.03 -22.54
C ARG A 234 -23.22 1.29 -21.90
N THR A 235 -22.32 1.23 -20.91
CA THR A 235 -21.71 2.42 -20.33
C THR A 235 -20.20 2.25 -20.42
N SER A 236 -19.52 3.24 -21.00
CA SER A 236 -18.08 3.18 -21.13
C SER A 236 -17.41 3.17 -19.75
N VAL A 237 -16.18 2.68 -19.72
CA VAL A 237 -15.41 2.67 -18.47
C VAL A 237 -15.22 4.10 -17.97
N VAL A 238 -14.89 5.04 -18.87
CA VAL A 238 -14.66 6.41 -18.44
CA VAL A 238 -14.66 6.41 -18.46
C VAL A 238 -15.93 7.00 -17.86
N SER A 239 -17.07 6.80 -18.53
N SER A 239 -17.07 6.80 -18.53
CA SER A 239 -18.32 7.34 -18.03
CA SER A 239 -18.32 7.35 -18.02
C SER A 239 -18.76 6.66 -16.74
C SER A 239 -18.76 6.66 -16.73
N PHE A 240 -18.58 5.34 -16.65
CA PHE A 240 -18.88 4.65 -15.41
C PHE A 240 -18.02 5.20 -14.27
N ASN A 241 -16.77 5.53 -14.55
CA ASN A 241 -15.88 5.96 -13.48
C ASN A 241 -16.21 7.35 -12.97
N GLU A 242 -16.67 8.26 -13.84
CA GLU A 242 -17.19 9.52 -13.29
C GLU A 242 -18.45 9.27 -12.47
N TRP A 243 -19.32 8.36 -12.94
CA TRP A 243 -20.50 8.03 -12.15
C TRP A 243 -20.11 7.41 -10.82
N ALA A 244 -19.07 6.56 -10.82
CA ALA A 244 -18.67 5.91 -9.58
C ALA A 244 -18.30 6.92 -8.51
N LEU A 245 -17.64 8.02 -8.90
CA LEU A 245 -17.21 9.02 -7.94
C LEU A 245 -18.36 9.63 -7.16
N ALA A 246 -19.55 9.67 -7.76
CA ALA A 246 -20.69 10.30 -7.11
C ALA A 246 -21.60 9.30 -6.40
N ASN A 247 -21.34 7.99 -6.54
CA ASN A 247 -22.28 6.98 -6.09
C ASN A 247 -21.65 5.89 -5.24
N GLN A 248 -20.54 6.19 -4.56
CA GLN A 248 -19.96 5.29 -3.55
C GLN A 248 -19.41 4.00 -4.13
N PHE A 249 -18.91 4.06 -5.37
CA PHE A 249 -18.23 2.94 -6.02
C PHE A 249 -16.78 3.28 -6.27
N THR A 250 -15.92 2.27 -6.18
CA THR A 250 -14.55 2.43 -6.65
C THR A 250 -14.57 2.58 -8.16
N GLU A 251 -13.54 3.23 -8.69
CA GLU A 251 -13.40 3.27 -10.13
C GLU A 251 -13.01 1.90 -10.68
N PHE A 252 -13.55 1.56 -11.85
CA PHE A 252 -13.34 0.25 -12.44
C PHE A 252 -12.03 0.26 -13.22
N VAL A 253 -11.19 -0.73 -12.95
CA VAL A 253 -9.95 -0.97 -13.69
C VAL A 253 -9.98 -2.40 -14.18
N GLY A 254 -9.96 -2.57 -15.48
CA GLY A 254 -10.07 -3.90 -16.02
C GLY A 254 -8.79 -4.69 -15.89
N THR A 255 -8.94 -6.02 -15.96
CA THR A 255 -7.83 -6.94 -15.83
C THR A 255 -8.04 -8.10 -16.78
N GLN A 256 -6.96 -8.87 -17.00
CA GLN A 256 -7.07 -10.05 -17.84
C GLN A 256 -8.05 -11.04 -17.26
N SER A 257 -8.18 -11.08 -15.93
CA SER A 257 -9.15 -11.99 -15.33
CA SER A 257 -9.15 -12.00 -15.33
C SER A 257 -10.57 -11.61 -15.71
N VAL A 258 -10.90 -10.31 -15.66
CA VAL A 258 -12.22 -9.86 -16.11
C VAL A 258 -12.41 -10.17 -17.59
N ASP A 259 -11.38 -9.90 -18.40
CA ASP A 259 -11.46 -10.13 -19.84
C ASP A 259 -11.80 -11.59 -20.15
N MET A 260 -11.24 -12.55 -19.39
CA MET A 260 -11.57 -13.95 -19.62
C MET A 260 -13.06 -14.22 -19.40
N LEU A 261 -13.64 -13.60 -18.36
CA LEU A 261 -15.07 -13.71 -18.12
C LEU A 261 -15.89 -13.12 -19.27
N ALA A 262 -15.42 -12.02 -19.86
CA ALA A 262 -16.15 -11.43 -20.97
C ALA A 262 -16.14 -12.34 -22.19
N VAL A 263 -14.98 -12.93 -22.50
CA VAL A 263 -14.87 -13.84 -23.64
C VAL A 263 -15.73 -15.07 -23.41
N LYS A 264 -15.64 -15.67 -22.23
CA LYS A 264 -16.41 -16.88 -21.94
C LYS A 264 -17.91 -16.66 -22.11
N THR A 265 -18.43 -15.53 -21.64
CA THR A 265 -19.87 -15.28 -21.67
C THR A 265 -20.32 -14.55 -22.91
N GLY A 266 -19.43 -13.88 -23.62
CA GLY A 266 -19.85 -13.03 -24.71
C GLY A 266 -20.63 -11.81 -24.30
N VAL A 267 -20.53 -11.40 -23.03
CA VAL A 267 -21.16 -10.19 -22.51
C VAL A 267 -20.05 -9.18 -22.23
N ALA A 268 -20.18 -7.99 -22.80
CA ALA A 268 -19.13 -6.99 -22.68
C ALA A 268 -19.15 -6.32 -21.30
N ILE A 269 -17.95 -5.97 -20.81
CA ILE A 269 -17.82 -5.27 -19.54
C ILE A 269 -18.77 -4.08 -19.48
N GLU A 270 -18.81 -3.31 -20.57
CA GLU A 270 -19.61 -2.09 -20.60
C GLU A 270 -21.10 -2.39 -20.47
N GLN A 271 -21.54 -3.58 -20.89
CA GLN A 271 -22.92 -3.97 -20.63
C GLN A 271 -23.19 -4.12 -19.15
N LEU A 272 -22.23 -4.69 -18.41
CA LEU A 272 -22.43 -4.87 -16.98
C LEU A 272 -22.23 -3.57 -16.22
N LEU A 273 -21.39 -2.66 -16.74
CA LEU A 273 -21.29 -1.35 -16.10
C LEU A 273 -22.62 -0.62 -16.17
N TYR A 274 -23.30 -0.69 -17.33
CA TYR A 274 -24.66 -0.16 -17.45
C TYR A 274 -25.60 -0.85 -16.48
N ALA A 275 -25.52 -2.19 -16.40
CA ALA A 275 -26.40 -2.93 -15.48
C ALA A 275 -26.20 -2.49 -14.04
N ILE A 276 -24.94 -2.29 -13.61
CA ILE A 276 -24.69 -1.88 -12.23
C ILE A 276 -25.40 -0.56 -11.94
N GLN A 277 -25.33 0.40 -12.87
CA GLN A 277 -25.96 1.71 -12.66
C GLN A 277 -27.45 1.57 -12.44
N GLN A 278 -28.10 0.63 -13.14
CA GLN A 278 -29.54 0.43 -12.99
C GLN A 278 -29.85 -0.33 -11.71
N LEU A 279 -29.05 -1.37 -11.42
CA LEU A 279 -29.29 -2.20 -10.24
C LEU A 279 -29.03 -1.44 -8.96
N TYR A 280 -28.16 -0.42 -9.01
CA TYR A 280 -27.89 0.39 -7.83
C TYR A 280 -29.09 1.22 -7.42
N THR A 281 -29.94 1.57 -8.37
CA THR A 281 -31.16 2.30 -8.04
C THR A 281 -32.29 1.39 -7.56
N GLY A 282 -32.05 0.08 -7.50
CA GLY A 282 -33.05 -0.85 -7.02
C GLY A 282 -33.23 -2.05 -7.91
N PHE A 283 -33.36 -3.25 -7.33
CA PHE A 283 -33.54 -4.47 -8.09
C PHE A 283 -34.97 -4.67 -8.58
N GLN A 284 -35.91 -3.84 -8.13
CA GLN A 284 -37.31 -3.90 -8.54
C GLN A 284 -37.85 -5.32 -8.44
N GLY A 285 -37.82 -5.85 -7.21
CA GLY A 285 -38.46 -7.10 -6.89
C GLY A 285 -37.75 -8.35 -7.38
N LYS A 286 -36.71 -8.23 -8.19
CA LYS A 286 -35.99 -9.39 -8.69
C LYS A 286 -34.77 -9.69 -7.82
N GLN A 287 -34.23 -10.88 -8.02
CA GLN A 287 -33.01 -11.31 -7.33
C GLN A 287 -31.97 -11.73 -8.35
N ILE A 288 -30.71 -11.65 -7.93
CA ILE A 288 -29.57 -12.16 -8.70
C ILE A 288 -28.79 -13.08 -7.77
N LEU A 289 -28.63 -14.34 -8.16
CA LEU A 289 -27.91 -15.33 -7.34
C LEU A 289 -28.37 -15.28 -5.89
N GLY A 290 -29.69 -15.30 -5.70
CA GLY A 290 -30.29 -15.30 -4.39
C GLY A 290 -30.16 -14.02 -3.59
N SER A 291 -29.76 -12.91 -4.22
CA SER A 291 -29.51 -11.65 -3.51
C SER A 291 -30.38 -10.54 -4.10
N THR A 292 -30.81 -9.61 -3.24
CA THR A 292 -31.49 -8.40 -3.72
C THR A 292 -30.61 -7.17 -3.64
N MET A 293 -29.29 -7.34 -3.43
CA MET A 293 -28.38 -6.21 -3.48
C MET A 293 -27.06 -6.68 -4.10
N LEU A 294 -26.26 -5.70 -4.50
CA LEU A 294 -25.02 -5.99 -5.21
C LEU A 294 -24.03 -6.64 -4.25
N GLU A 295 -23.28 -7.60 -4.78
CA GLU A 295 -22.30 -8.38 -4.04
C GLU A 295 -20.92 -8.01 -4.55
N ASP A 296 -20.02 -7.58 -3.66
CA ASP A 296 -18.68 -7.22 -4.09
C ASP A 296 -17.60 -7.99 -3.35
N GLU A 297 -17.94 -9.12 -2.74
CA GLU A 297 -16.96 -9.87 -1.96
C GLU A 297 -16.38 -11.05 -2.73
N PHE A 298 -16.73 -11.21 -4.01
CA PHE A 298 -16.10 -12.22 -4.88
C PHE A 298 -15.31 -11.54 -5.99
N THR A 299 -14.07 -12.01 -6.20
CA THR A 299 -13.17 -11.38 -7.17
C THR A 299 -13.27 -12.03 -8.53
N PRO A 300 -12.75 -11.38 -9.58
CA PRO A 300 -12.72 -12.04 -10.89
C PRO A 300 -11.96 -13.35 -10.85
N GLU A 301 -10.89 -13.40 -10.06
CA GLU A 301 -10.13 -14.64 -9.89
C GLU A 301 -10.96 -15.72 -9.20
N ASP A 302 -11.79 -15.34 -8.20
CA ASP A 302 -12.70 -16.31 -7.57
C ASP A 302 -13.62 -16.94 -8.59
N VAL A 303 -14.21 -16.11 -9.46
CA VAL A 303 -15.18 -16.60 -10.40
C VAL A 303 -14.51 -17.48 -11.47
N ASN A 304 -13.36 -17.04 -11.98
CA ASN A 304 -12.63 -17.86 -12.94
C ASN A 304 -12.24 -19.21 -12.35
N MET A 305 -11.77 -19.22 -11.10
CA MET A 305 -11.25 -20.48 -10.57
C MET A 305 -12.39 -21.39 -10.11
N GLN A 306 -13.39 -20.84 -9.42
CA GLN A 306 -14.40 -21.69 -8.80
C GLN A 306 -15.42 -22.20 -9.81
N ILE A 307 -15.72 -21.41 -10.83
CA ILE A 307 -16.75 -21.80 -11.78
C ILE A 307 -16.14 -22.37 -13.06
N MET A 308 -15.05 -21.77 -13.55
CA MET A 308 -14.46 -22.23 -14.79
C MET A 308 -13.22 -23.09 -14.60
N GLY A 309 -12.71 -23.21 -13.38
CA GLY A 309 -11.53 -24.00 -13.13
C GLY A 309 -10.24 -23.42 -13.66
N VAL A 310 -10.18 -22.10 -13.81
CA VAL A 310 -9.07 -21.40 -14.45
C VAL A 310 -8.28 -20.65 -13.40
N VAL A 311 -6.97 -20.97 -13.31
CA VAL A 311 -6.04 -20.24 -12.46
C VAL A 311 -4.86 -19.73 -13.28
N HIS B 6 5.57 38.31 2.86
CA HIS B 6 6.54 37.75 3.80
C HIS B 6 6.70 36.27 3.49
N HIS B 7 7.88 35.92 2.97
CA HIS B 7 8.18 34.53 2.61
C HIS B 7 8.06 33.63 3.83
N SER B 8 7.31 32.53 3.66
CA SER B 8 6.97 31.65 4.76
C SER B 8 8.19 30.89 5.28
N GLY B 9 9.21 30.72 4.46
CA GLY B 9 10.27 29.82 4.81
C GLY B 9 10.04 28.39 4.39
N LEU B 10 9.00 28.12 3.60
CA LEU B 10 8.72 26.78 3.09
C LEU B 10 9.30 26.62 1.69
N VAL B 11 10.16 25.62 1.51
CA VAL B 11 10.61 25.21 0.18
C VAL B 11 10.41 23.70 0.06
N LYS B 12 10.43 23.21 -1.17
CA LYS B 12 10.49 21.77 -1.41
C LYS B 12 11.85 21.26 -0.97
N MET B 13 11.90 20.51 0.12
N MET B 13 11.90 20.55 0.14
CA MET B 13 13.16 20.14 0.76
CA MET B 13 13.15 20.12 0.73
C MET B 13 13.35 18.62 0.69
C MET B 13 13.30 18.62 0.59
N SER B 14 14.41 18.18 0.01
CA SER B 14 14.77 16.78 -0.11
C SER B 14 15.86 16.43 0.91
N HIS B 15 15.97 15.14 1.21
CA HIS B 15 17.09 14.70 2.03
C HIS B 15 18.39 14.87 1.25
N PRO B 16 19.52 15.08 1.95
CA PRO B 16 20.81 15.00 1.28
C PRO B 16 20.94 13.63 0.63
N SER B 17 21.40 13.59 -0.62
CA SER B 17 21.26 12.36 -1.42
C SER B 17 22.49 11.46 -1.39
N GLY B 18 23.57 11.88 -0.73
CA GLY B 18 24.84 11.19 -0.89
C GLY B 18 24.79 9.71 -0.55
N ASP B 19 24.09 9.35 0.53
CA ASP B 19 24.07 7.94 0.94
C ASP B 19 23.39 7.08 -0.12
N VAL B 20 22.38 7.63 -0.81
CA VAL B 20 21.68 6.86 -1.84
C VAL B 20 22.47 6.86 -3.14
N GLU B 21 23.13 7.99 -3.47
CA GLU B 21 24.00 8.02 -4.64
C GLU B 21 24.98 6.87 -4.63
N ALA B 22 25.54 6.54 -3.47
CA ALA B 22 26.54 5.47 -3.41
C ALA B 22 25.95 4.08 -3.62
N CYS B 23 24.63 3.98 -3.80
CA CYS B 23 23.96 2.72 -4.02
C CYS B 23 23.46 2.53 -5.45
N MET B 24 23.64 3.52 -6.33
CA MET B 24 22.99 3.49 -7.63
C MET B 24 23.92 2.78 -8.60
N VAL B 25 23.37 1.90 -9.44
CA VAL B 25 24.13 1.22 -10.48
C VAL B 25 23.35 1.27 -11.78
N GLN B 26 24.03 0.91 -12.86
CA GLN B 26 23.40 0.70 -14.15
C GLN B 26 23.21 -0.80 -14.35
N VAL B 27 22.05 -1.18 -14.88
CA VAL B 27 21.74 -2.58 -15.17
C VAL B 27 21.40 -2.69 -16.65
N THR B 28 22.06 -3.61 -17.34
CA THR B 28 21.85 -3.79 -18.76
C THR B 28 21.51 -5.26 -18.99
N CYS B 29 20.47 -5.48 -19.76
CA CYS B 29 20.07 -6.82 -20.18
C CYS B 29 19.95 -6.76 -21.70
N GLY B 30 20.91 -7.38 -22.39
CA GLY B 30 20.92 -7.33 -23.84
C GLY B 30 21.13 -5.89 -24.29
N SER B 31 20.17 -5.38 -25.04
CA SER B 31 20.20 -4.02 -25.53
C SER B 31 19.32 -3.07 -24.70
N MET B 32 18.82 -3.54 -23.56
CA MET B 32 17.96 -2.75 -22.70
C MET B 32 18.79 -2.31 -21.50
N THR B 33 18.60 -1.07 -21.05
CA THR B 33 19.36 -0.58 -19.89
C THR B 33 18.48 0.34 -19.05
N LEU B 34 18.79 0.39 -17.75
CA LEU B 34 18.11 1.28 -16.79
C LEU B 34 18.94 1.28 -15.50
N ASN B 35 18.39 1.83 -14.42
CA ASN B 35 19.14 1.95 -13.17
C ASN B 35 18.73 0.87 -12.18
N GLY B 36 19.63 0.56 -11.25
CA GLY B 36 19.34 -0.37 -10.18
C GLY B 36 19.84 0.17 -8.85
N LEU B 37 19.37 -0.46 -7.77
CA LEU B 37 19.75 -0.10 -6.40
C LEU B 37 20.50 -1.25 -5.78
N TRP B 38 21.74 -0.99 -5.36
CA TRP B 38 22.67 -2.02 -4.89
C TRP B 38 22.78 -1.93 -3.37
N LEU B 39 22.23 -2.93 -2.67
CA LEU B 39 22.27 -3.00 -1.21
C LEU B 39 22.74 -4.37 -0.80
N ASP B 40 23.70 -4.43 0.11
CA ASP B 40 24.32 -5.71 0.50
C ASP B 40 24.72 -6.42 -0.80
N ASN B 41 24.34 -7.68 -0.99
CA ASN B 41 24.67 -8.46 -2.19
C ASN B 41 23.53 -8.47 -3.21
N THR B 42 22.58 -7.55 -3.09
CA THR B 42 21.41 -7.56 -3.96
C THR B 42 21.34 -6.30 -4.81
N VAL B 43 20.95 -6.44 -6.08
CA VAL B 43 20.63 -5.28 -6.93
C VAL B 43 19.18 -5.39 -7.36
N TRP B 44 18.38 -4.37 -7.06
CA TRP B 44 16.97 -4.31 -7.44
C TRP B 44 16.83 -3.46 -8.69
N CYS B 45 15.99 -3.91 -9.63
CA CYS B 45 15.70 -3.05 -10.77
C CYS B 45 14.36 -3.46 -11.35
N PRO B 46 13.74 -2.59 -12.16
CA PRO B 46 12.47 -2.96 -12.81
C PRO B 46 12.66 -4.14 -13.75
N ARG B 47 11.70 -5.05 -13.72
CA ARG B 47 11.85 -6.28 -14.50
C ARG B 47 11.72 -6.01 -15.99
N HIS B 48 11.14 -4.89 -16.42
CA HIS B 48 11.01 -4.69 -17.87
C HIS B 48 12.37 -4.44 -18.55
N VAL B 49 13.46 -4.41 -17.79
CA VAL B 49 14.77 -4.41 -18.44
C VAL B 49 14.99 -5.68 -19.26
N MET B 50 14.29 -6.78 -18.93
CA MET B 50 14.38 -8.05 -19.65
C MET B 50 13.61 -8.05 -20.96
N CYS B 51 12.78 -7.03 -21.21
CA CYS B 51 11.86 -7.08 -22.34
CA CYS B 51 11.84 -7.04 -22.34
C CYS B 51 12.42 -6.35 -23.55
N PRO B 52 12.49 -6.98 -24.72
CA PRO B 52 12.83 -6.25 -25.93
C PRO B 52 11.79 -5.17 -26.18
N ALA B 53 12.23 -4.06 -26.78
CA ALA B 53 11.38 -2.87 -26.90
C ALA B 53 10.10 -3.15 -27.66
N ASP B 54 10.15 -4.01 -28.68
CA ASP B 54 8.95 -4.29 -29.46
C ASP B 54 8.07 -5.36 -28.84
N GLN B 55 8.30 -5.72 -27.58
CA GLN B 55 7.45 -6.65 -26.85
C GLN B 55 6.89 -6.07 -25.56
N LEU B 56 7.12 -4.78 -25.31
CA LEU B 56 6.71 -4.19 -24.05
C LEU B 56 5.19 -4.14 -23.87
N SER B 57 4.41 -4.25 -24.95
CA SER B 57 2.97 -4.15 -24.80
CA SER B 57 2.97 -4.15 -24.80
C SER B 57 2.34 -5.40 -24.19
N ASP B 58 3.00 -6.55 -24.29
CA ASP B 58 2.44 -7.79 -23.75
C ASP B 58 3.57 -8.76 -23.40
N PRO B 59 4.38 -8.40 -22.41
CA PRO B 59 5.50 -9.27 -22.05
C PRO B 59 5.04 -10.51 -21.27
N ASN B 60 5.76 -11.59 -21.49
CA ASN B 60 5.63 -12.80 -20.67
C ASN B 60 6.83 -12.81 -19.72
N TYR B 61 6.69 -12.15 -18.57
CA TYR B 61 7.83 -12.01 -17.67
C TYR B 61 8.28 -13.34 -17.10
N ASP B 62 7.34 -14.27 -16.87
CA ASP B 62 7.73 -15.58 -16.38
C ASP B 62 8.67 -16.27 -17.36
N ALA B 63 8.32 -16.24 -18.64
CA ALA B 63 9.14 -16.90 -19.65
C ALA B 63 10.44 -16.14 -19.90
N LEU B 64 10.39 -14.80 -19.85
CA LEU B 64 11.60 -14.01 -19.99
C LEU B 64 12.62 -14.36 -18.90
N LEU B 65 12.15 -14.46 -17.66
CA LEU B 65 13.04 -14.79 -16.54
C LEU B 65 13.69 -16.15 -16.72
N ILE B 66 12.91 -17.14 -17.15
CA ILE B 66 13.44 -18.48 -17.33
C ILE B 66 14.49 -18.49 -18.43
N SER B 67 14.28 -17.67 -19.46
CA SER B 67 15.22 -17.64 -20.57
C SER B 67 16.55 -17.01 -20.19
N MET B 68 16.59 -16.22 -19.12
CA MET B 68 17.84 -15.55 -18.81
C MET B 68 18.75 -16.44 -17.98
N THR B 69 20.04 -16.15 -18.04
CA THR B 69 21.02 -16.66 -17.10
C THR B 69 21.61 -15.50 -16.32
N ASN B 70 22.45 -15.83 -15.33
CA ASN B 70 23.18 -14.78 -14.64
C ASN B 70 23.97 -13.92 -15.64
N HIS B 71 24.52 -14.55 -16.69
CA HIS B 71 25.35 -13.81 -17.63
C HIS B 71 24.56 -12.85 -18.52
N SER B 72 23.23 -12.94 -18.50
CA SER B 72 22.41 -12.04 -19.29
C SER B 72 22.40 -10.62 -18.75
N PHE B 73 22.88 -10.41 -17.54
CA PHE B 73 22.79 -9.14 -16.83
C PHE B 73 24.18 -8.56 -16.64
N SER B 74 24.35 -7.28 -16.97
CA SER B 74 25.57 -6.56 -16.73
C SER B 74 25.24 -5.43 -15.77
N VAL B 75 25.91 -5.41 -14.62
CA VAL B 75 25.70 -4.40 -13.58
C VAL B 75 27.00 -3.63 -13.37
N GLN B 76 26.88 -2.31 -13.48
CA GLN B 76 28.06 -1.46 -13.32
C GLN B 76 27.86 -0.31 -12.34
N LYS B 77 28.80 -0.12 -11.44
CA LYS B 77 28.85 1.08 -10.60
C LYS B 77 29.77 2.09 -11.29
N HIS B 78 29.23 3.28 -11.58
CA HIS B 78 29.99 4.33 -12.24
C HIS B 78 30.51 5.38 -11.29
N ILE B 79 29.78 5.66 -10.21
CA ILE B 79 30.16 6.66 -9.22
C ILE B 79 31.43 6.25 -8.51
N GLY B 80 32.26 7.24 -8.17
CA GLY B 80 33.37 7.02 -7.28
C GLY B 80 34.37 6.03 -7.81
N ALA B 81 34.59 4.94 -7.07
CA ALA B 81 35.45 3.85 -7.51
C ALA B 81 34.65 2.88 -8.37
N PRO B 82 34.73 2.98 -9.69
CA PRO B 82 33.85 2.18 -10.55
C PRO B 82 34.08 0.69 -10.36
N ALA B 83 33.08 -0.10 -10.76
CA ALA B 83 33.17 -1.55 -10.63
C ALA B 83 32.16 -2.18 -11.57
N ASN B 84 32.57 -3.27 -12.21
CA ASN B 84 31.66 -4.15 -12.91
C ASN B 84 31.34 -5.30 -11.96
N LEU B 85 30.06 -5.51 -11.66
CA LEU B 85 29.66 -6.52 -10.69
C LEU B 85 29.25 -7.79 -11.42
N ARG B 86 29.59 -8.93 -10.83
CA ARG B 86 29.26 -10.23 -11.39
C ARG B 86 27.96 -10.74 -10.78
N VAL B 87 26.96 -11.03 -11.64
CA VAL B 87 25.69 -11.56 -11.17
C VAL B 87 25.82 -13.06 -10.92
N VAL B 88 25.38 -13.49 -9.73
CA VAL B 88 25.48 -14.88 -9.29
C VAL B 88 24.13 -15.50 -8.97
N GLY B 89 23.05 -14.75 -9.11
CA GLY B 89 21.71 -15.30 -9.01
C GLY B 89 20.71 -14.29 -9.52
N HIS B 90 19.57 -14.74 -10.02
CA HIS B 90 18.53 -13.81 -10.44
C HIS B 90 17.17 -14.35 -10.04
N ALA B 91 16.26 -13.43 -9.67
CA ALA B 91 14.91 -13.79 -9.27
C ALA B 91 14.01 -12.60 -9.57
N MET B 92 12.71 -12.85 -9.53
CA MET B 92 11.68 -11.85 -9.79
C MET B 92 10.84 -11.73 -8.53
N GLN B 93 10.54 -10.51 -8.11
CA GLN B 93 9.51 -10.31 -7.09
C GLN B 93 8.55 -9.23 -7.59
N GLY B 94 7.32 -9.64 -7.90
CA GLY B 94 6.38 -8.73 -8.53
C GLY B 94 7.00 -8.10 -9.75
N THR B 95 6.96 -6.77 -9.80
CA THR B 95 7.46 -5.99 -10.93
C THR B 95 8.94 -5.65 -10.83
N LEU B 96 9.66 -6.27 -9.91
CA LEU B 96 11.09 -6.01 -9.76
C LEU B 96 11.89 -7.28 -9.99
N LEU B 97 13.11 -7.08 -10.44
CA LEU B 97 14.15 -8.12 -10.41
C LEU B 97 15.01 -7.97 -9.17
N LYS B 98 15.35 -9.11 -8.57
CA LYS B 98 16.33 -9.20 -7.49
C LYS B 98 17.54 -9.91 -8.09
N LEU B 99 18.60 -9.18 -8.37
CA LEU B 99 19.84 -9.79 -8.84
C LEU B 99 20.81 -9.93 -7.68
N THR B 100 21.36 -11.11 -7.50
CA THR B 100 22.37 -11.30 -6.47
C THR B 100 23.75 -11.14 -7.12
N VAL B 101 24.62 -10.36 -6.48
CA VAL B 101 25.95 -10.08 -7.02
C VAL B 101 26.99 -10.59 -6.03
N ASP B 102 28.20 -10.81 -6.54
CA ASP B 102 29.24 -11.47 -5.76
C ASP B 102 29.93 -10.52 -4.78
N VAL B 103 29.71 -9.21 -4.87
CA VAL B 103 30.29 -8.22 -3.98
C VAL B 103 29.15 -7.54 -3.22
N ALA B 104 29.31 -7.41 -1.92
CA ALA B 104 28.37 -6.60 -1.14
C ALA B 104 28.75 -5.13 -1.27
N ASN B 105 27.74 -4.26 -1.39
CA ASN B 105 27.99 -2.84 -1.51
C ASN B 105 28.67 -2.35 -0.22
N PRO B 106 29.92 -1.92 -0.28
CA PRO B 106 30.60 -1.43 0.92
C PRO B 106 29.99 -0.16 1.48
N SER B 107 29.21 0.57 0.68
CA SER B 107 28.56 1.80 1.13
C SER B 107 27.09 1.57 1.47
N THR B 108 26.69 0.34 1.74
CA THR B 108 25.29 0.08 2.11
C THR B 108 24.94 0.87 3.36
N PRO B 109 23.94 1.73 3.33
CA PRO B 109 23.51 2.41 4.53
C PRO B 109 22.65 1.49 5.38
N ALA B 110 22.40 1.91 6.62
CA ALA B 110 21.30 1.30 7.36
C ALA B 110 20.01 1.61 6.61
N TYR B 111 19.21 0.59 6.35
CA TYR B 111 18.03 0.80 5.53
C TYR B 111 16.90 -0.15 5.90
N THR B 112 15.68 0.25 5.54
CA THR B 112 14.52 -0.62 5.54
C THR B 112 13.79 -0.42 4.22
N PHE B 113 12.81 -1.27 3.98
CA PHE B 113 11.85 -1.07 2.90
C PHE B 113 10.49 -0.74 3.49
N THR B 114 9.83 0.27 2.93
CA THR B 114 8.52 0.67 3.44
C THR B 114 7.65 1.11 2.26
N THR B 115 6.35 1.15 2.48
CA THR B 115 5.42 1.72 1.51
C THR B 115 4.97 3.08 2.00
N VAL B 116 4.87 4.04 1.07
CA VAL B 116 4.43 5.39 1.42
CA VAL B 116 4.44 5.39 1.41
C VAL B 116 2.95 5.53 1.15
N LYS B 117 2.29 6.36 1.98
CA LYS B 117 0.85 6.51 1.87
C LYS B 117 0.50 7.82 1.17
N PRO B 118 -0.70 7.91 0.59
CA PRO B 118 -1.13 9.17 -0.01
C PRO B 118 -0.92 10.34 0.93
N GLY B 119 -0.37 11.43 0.40
CA GLY B 119 -0.12 12.63 1.17
C GLY B 119 1.27 12.70 1.80
N ALA B 120 1.95 11.58 1.95
CA ALA B 120 3.27 11.61 2.56
C ALA B 120 4.33 11.99 1.52
N ALA B 121 5.36 12.68 2.00
CA ALA B 121 6.44 13.17 1.16
C ALA B 121 7.61 12.19 1.13
N PHE B 122 8.30 12.16 0.01
CA PHE B 122 9.55 11.39 -0.03
C PHE B 122 10.49 12.02 -1.04
N SER B 123 11.77 11.68 -0.92
CA SER B 123 12.79 12.23 -1.78
C SER B 123 13.08 11.24 -2.90
N VAL B 124 13.40 11.77 -4.08
CA VAL B 124 13.66 10.99 -5.27
C VAL B 124 15.03 11.38 -5.77
N LEU B 125 15.83 10.37 -6.12
CA LEU B 125 17.11 10.57 -6.80
C LEU B 125 16.94 10.11 -8.26
N ALA B 126 16.87 11.08 -9.18
CA ALA B 126 16.66 10.78 -10.59
C ALA B 126 18.00 10.43 -11.21
N CYS B 127 18.06 9.27 -11.84
CA CYS B 127 19.31 8.71 -12.38
C CYS B 127 19.10 8.32 -13.83
N TYR B 128 20.21 8.36 -14.58
CA TYR B 128 20.25 7.95 -15.98
C TYR B 128 21.56 7.20 -16.19
N ASN B 129 21.49 6.00 -16.78
CA ASN B 129 22.67 5.16 -17.05
C ASN B 129 23.48 4.90 -15.78
N GLY B 130 22.78 4.74 -14.66
CA GLY B 130 23.44 4.53 -13.39
C GLY B 130 24.07 5.76 -12.78
N ARG B 131 23.84 6.96 -13.33
CA ARG B 131 24.49 8.17 -12.83
C ARG B 131 23.45 9.10 -12.23
N PRO B 132 23.54 9.44 -10.94
CA PRO B 132 22.58 10.40 -10.37
C PRO B 132 22.67 11.75 -11.08
N THR B 133 21.51 12.31 -11.39
CA THR B 133 21.45 13.58 -12.09
CA THR B 133 21.38 13.55 -12.14
C THR B 133 20.66 14.66 -11.36
N GLY B 134 19.71 14.31 -10.51
CA GLY B 134 18.98 15.35 -9.81
C GLY B 134 18.22 14.77 -8.65
N THR B 135 17.83 15.64 -7.72
CA THR B 135 17.05 15.20 -6.59
C THR B 135 15.90 16.17 -6.36
N PHE B 136 14.75 15.63 -5.96
CA PHE B 136 13.55 16.44 -5.78
C PHE B 136 12.67 15.70 -4.79
N THR B 137 11.64 16.39 -4.29
CA THR B 137 10.73 15.73 -3.37
C THR B 137 9.32 15.78 -3.93
N VAL B 138 8.54 14.76 -3.61
CA VAL B 138 7.15 14.67 -4.05
C VAL B 138 6.31 14.13 -2.91
N VAL B 139 5.00 14.36 -3.02
CA VAL B 139 4.01 13.73 -2.15
CA VAL B 139 4.02 13.71 -2.15
C VAL B 139 3.29 12.67 -2.97
N MET B 140 3.06 11.51 -2.38
CA MET B 140 2.24 10.50 -3.04
C MET B 140 0.80 11.00 -3.20
N ARG B 141 0.31 11.02 -4.44
CA ARG B 141 -1.05 11.52 -4.65
C ARG B 141 -2.08 10.49 -4.20
N PRO B 142 -3.30 10.94 -3.90
CA PRO B 142 -4.36 9.99 -3.52
C PRO B 142 -4.68 8.97 -4.59
N ASN B 143 -4.34 9.21 -5.85
CA ASN B 143 -4.54 8.21 -6.90
C ASN B 143 -3.27 7.40 -7.17
N TYR B 144 -2.29 7.47 -6.27
CA TYR B 144 -1.06 6.65 -6.30
C TYR B 144 -0.18 6.93 -7.52
N THR B 145 -0.18 8.17 -7.96
CA THR B 145 0.79 8.69 -8.89
C THR B 145 1.62 9.75 -8.16
N ILE B 146 2.73 10.16 -8.77
CA ILE B 146 3.48 11.30 -8.25
C ILE B 146 3.69 12.25 -9.40
N LYS B 147 3.79 13.53 -9.06
CA LYS B 147 4.06 14.59 -10.04
C LYS B 147 5.57 14.79 -10.08
N GLY B 148 6.25 13.99 -10.89
CA GLY B 148 7.69 13.94 -10.90
C GLY B 148 8.30 14.60 -12.12
N SER B 149 9.56 14.26 -12.37
CA SER B 149 10.28 14.76 -13.53
C SER B 149 11.20 13.62 -13.96
N PHE B 150 10.74 12.85 -14.96
CA PHE B 150 11.41 11.63 -15.38
C PHE B 150 11.36 11.55 -16.89
N LEU B 151 12.48 11.18 -17.50
CA LEU B 151 12.59 11.01 -18.93
C LEU B 151 12.94 9.56 -19.25
N CYS B 152 12.94 9.22 -20.54
CA CYS B 152 13.44 7.91 -20.95
CA CYS B 152 13.43 7.91 -20.96
C CYS B 152 14.79 7.65 -20.30
N GLY B 153 14.95 6.45 -19.73
CA GLY B 153 16.20 6.04 -19.10
C GLY B 153 16.23 6.19 -17.60
N SER B 154 15.18 6.79 -17.01
CA SER B 154 15.09 7.08 -15.59
C SER B 154 14.55 5.92 -14.76
N CYS B 155 14.07 4.84 -15.39
CA CYS B 155 13.51 3.75 -14.60
C CYS B 155 14.57 3.12 -13.71
N GLY B 156 14.14 2.69 -12.53
CA GLY B 156 15.07 2.30 -11.50
C GLY B 156 15.53 3.42 -10.59
N SER B 157 15.23 4.68 -10.92
CA SER B 157 15.43 5.77 -9.96
C SER B 157 14.66 5.46 -8.69
N VAL B 158 15.15 5.94 -7.55
CA VAL B 158 14.55 5.47 -6.30
C VAL B 158 14.03 6.65 -5.48
N GLY B 159 13.02 6.35 -4.67
CA GLY B 159 12.49 7.30 -3.71
C GLY B 159 12.61 6.72 -2.32
N TYR B 160 12.75 7.61 -1.34
CA TYR B 160 13.06 7.14 0.01
C TYR B 160 12.68 8.22 1.01
N THR B 161 12.41 7.78 2.24
CA THR B 161 12.35 8.67 3.40
C THR B 161 13.53 8.32 4.32
N LYS B 162 13.67 9.08 5.41
CA LYS B 162 14.68 8.77 6.41
C LYS B 162 14.11 8.91 7.81
N GLU B 163 14.65 8.10 8.73
CA GLU B 163 14.44 8.24 10.18
C GLU B 163 15.80 8.16 10.83
N GLY B 164 16.24 9.27 11.40
CA GLY B 164 17.60 9.32 11.91
C GLY B 164 18.54 9.04 10.76
N SER B 165 19.39 8.04 10.92
CA SER B 165 20.32 7.65 9.87
C SER B 165 19.81 6.51 9.01
N VAL B 166 18.59 6.03 9.24
CA VAL B 166 18.08 4.89 8.48
C VAL B 166 17.33 5.40 7.24
N ILE B 167 17.70 4.86 6.08
CA ILE B 167 17.00 5.18 4.84
C ILE B 167 15.89 4.16 4.64
N ASN B 168 14.68 4.67 4.42
CA ASN B 168 13.51 3.81 4.18
C ASN B 168 13.16 3.91 2.70
N PHE B 169 13.59 2.92 1.93
CA PHE B 169 13.33 2.95 0.51
C PHE B 169 11.88 2.61 0.26
N CYS B 170 11.20 3.45 -0.53
CA CYS B 170 9.77 3.29 -0.74
C CYS B 170 9.31 3.29 -2.20
N TYR B 171 10.19 3.58 -3.16
CA TYR B 171 9.71 3.78 -4.52
C TYR B 171 10.81 3.41 -5.51
N MET B 172 10.46 2.69 -6.57
CA MET B 172 11.37 2.47 -7.70
C MET B 172 10.63 2.86 -8.96
N HIS B 173 11.18 3.77 -9.74
CA HIS B 173 10.41 4.36 -10.82
C HIS B 173 10.18 3.38 -11.99
N GLN B 174 8.94 3.36 -12.51
CA GLN B 174 8.59 2.46 -13.62
C GLN B 174 8.00 3.13 -14.87
N MET B 175 7.23 4.22 -14.75
CA MET B 175 6.42 4.59 -15.90
C MET B 175 5.83 6.00 -15.75
N GLU B 176 5.54 6.60 -16.90
CA GLU B 176 4.84 7.89 -16.95
C GLU B 176 3.46 7.63 -17.54
N LEU B 177 2.46 8.27 -16.97
CA LEU B 177 1.07 8.14 -17.37
C LEU B 177 0.74 9.18 -18.44
N ALA B 178 -0.46 9.04 -19.03
CA ALA B 178 -0.83 9.93 -20.14
C ALA B 178 -0.99 11.38 -19.69
N ASN B 179 -1.36 11.62 -18.43
CA ASN B 179 -1.50 12.98 -17.94
C ASN B 179 -0.19 13.57 -17.44
N GLY B 180 0.93 12.91 -17.67
CA GLY B 180 2.22 13.46 -17.29
C GLY B 180 2.69 13.12 -15.90
N THR B 181 1.87 12.43 -15.10
CA THR B 181 2.28 12.00 -13.78
C THR B 181 2.99 10.64 -13.89
N HIS B 182 3.49 10.17 -12.75
CA HIS B 182 4.45 9.05 -12.77
C HIS B 182 4.05 8.02 -11.73
N THR B 183 4.48 6.76 -11.92
CA THR B 183 4.33 5.82 -10.83
C THR B 183 5.39 4.74 -10.91
N GLY B 184 5.40 3.87 -9.92
CA GLY B 184 6.50 2.95 -9.73
C GLY B 184 6.12 1.89 -8.73
N SER B 185 7.10 1.09 -8.36
CA SER B 185 6.91 -0.05 -7.45
C SER B 185 7.34 0.31 -6.04
N ALA B 186 6.77 -0.40 -5.07
CA ALA B 186 7.42 -0.55 -3.77
C ALA B 186 8.41 -1.72 -3.86
N PHE B 187 9.24 -1.88 -2.83
CA PHE B 187 10.26 -2.92 -2.93
C PHE B 187 9.75 -4.30 -2.54
N ASP B 188 8.46 -4.44 -2.24
CA ASP B 188 7.86 -5.77 -2.26
C ASP B 188 7.44 -6.18 -3.67
N GLY B 189 7.68 -5.30 -4.65
CA GLY B 189 7.41 -5.58 -6.03
C GLY B 189 6.03 -5.18 -6.50
N THR B 190 5.18 -4.64 -5.61
CA THR B 190 3.86 -4.22 -6.05
C THR B 190 3.93 -2.82 -6.64
N MET B 191 3.13 -2.57 -7.67
N MET B 191 3.13 -2.58 -7.67
CA MET B 191 3.03 -1.22 -8.21
CA MET B 191 2.98 -1.24 -8.21
C MET B 191 2.14 -0.38 -7.32
C MET B 191 2.16 -0.40 -7.25
N TYR B 192 2.50 0.89 -7.15
CA TYR B 192 1.60 1.81 -6.48
C TYR B 192 0.40 2.00 -7.40
N GLY B 193 -0.80 1.91 -6.84
CA GLY B 193 -2.00 2.05 -7.66
C GLY B 193 -2.40 0.73 -8.31
N ALA B 194 -3.27 0.82 -9.31
CA ALA B 194 -3.72 -0.38 -10.03
C ALA B 194 -2.92 -0.64 -11.31
N PHE B 195 -1.65 -0.23 -11.37
CA PHE B 195 -0.98 -0.16 -12.66
C PHE B 195 -0.17 -1.42 -12.97
N MET B 196 -0.13 -1.77 -14.26
CA MET B 196 0.64 -2.90 -14.76
C MET B 196 1.88 -2.37 -15.48
N ASP B 197 2.99 -3.10 -15.33
CA ASP B 197 4.21 -2.70 -16.03
C ASP B 197 4.24 -3.32 -17.43
N LYS B 198 3.32 -2.85 -18.26
CA LYS B 198 3.33 -3.18 -19.67
C LYS B 198 2.95 -1.93 -20.46
N GLN B 199 3.40 -1.89 -21.71
CA GLN B 199 3.20 -0.70 -22.54
C GLN B 199 1.81 -0.74 -23.18
N VAL B 200 0.81 -0.58 -22.31
CA VAL B 200 -0.58 -0.47 -22.72
C VAL B 200 -1.16 0.71 -21.97
N HIS B 201 -2.05 1.44 -22.61
CA HIS B 201 -2.53 2.66 -21.97
C HIS B 201 -3.56 2.27 -20.91
N GLN B 202 -3.56 3.01 -19.79
CA GLN B 202 -4.22 2.50 -18.60
C GLN B 202 -5.08 3.54 -17.91
N VAL B 203 -6.14 3.03 -17.27
CA VAL B 203 -7.08 3.84 -16.52
C VAL B 203 -6.35 4.39 -15.28
N GLN B 204 -6.11 5.69 -15.26
CA GLN B 204 -5.61 6.37 -14.07
C GLN B 204 -6.77 7.04 -13.34
N LEU B 205 -6.82 6.89 -12.02
CA LEU B 205 -7.99 7.23 -11.26
C LEU B 205 -7.98 8.72 -10.92
N THR B 206 -9.13 9.23 -10.48
CA THR B 206 -9.23 10.65 -10.17
C THR B 206 -8.38 11.01 -8.96
N ASP B 207 -7.71 12.16 -9.04
CA ASP B 207 -6.93 12.70 -7.94
C ASP B 207 -7.83 13.50 -7.00
N LYS B 208 -7.32 13.76 -5.79
CA LYS B 208 -8.03 14.51 -4.77
C LYS B 208 -7.05 15.45 -4.09
N TYR B 209 -7.58 16.49 -3.46
CA TYR B 209 -6.81 17.32 -2.54
C TYR B 209 -6.51 16.51 -1.27
N CYS B 210 -5.26 16.60 -0.78
CA CYS B 210 -4.86 15.93 0.46
CA CYS B 210 -4.88 15.93 0.46
C CYS B 210 -5.21 16.84 1.63
N SER B 211 -6.31 16.53 2.32
CA SER B 211 -6.82 17.40 3.38
C SER B 211 -5.78 17.67 4.46
N VAL B 212 -5.07 16.65 4.91
CA VAL B 212 -4.11 16.86 6.01
C VAL B 212 -3.05 17.87 5.59
N ASN B 213 -2.65 17.85 4.32
CA ASN B 213 -1.61 18.78 3.88
C ASN B 213 -2.15 20.17 3.65
N VAL B 214 -3.41 20.31 3.23
CA VAL B 214 -4.00 21.64 3.18
C VAL B 214 -4.06 22.22 4.58
N VAL B 215 -4.40 21.40 5.58
CA VAL B 215 -4.42 21.90 6.96
C VAL B 215 -3.03 22.34 7.38
N ALA B 216 -2.01 21.52 7.11
CA ALA B 216 -0.63 21.91 7.40
C ALA B 216 -0.31 23.27 6.80
N TRP B 217 -0.75 23.50 5.57
CA TRP B 217 -0.37 24.71 4.85
C TRP B 217 -1.09 25.93 5.43
N LEU B 218 -2.33 25.74 5.87
CA LEU B 218 -3.04 26.84 6.53
C LEU B 218 -2.37 27.18 7.86
N TYR B 219 -1.85 26.17 8.57
CA TYR B 219 -1.07 26.45 9.78
C TYR B 219 0.22 27.20 9.46
N ALA B 220 0.91 26.83 8.36
CA ALA B 220 2.09 27.60 7.98
C ALA B 220 1.73 29.06 7.72
N ALA B 221 0.56 29.30 7.11
CA ALA B 221 0.09 30.67 6.92
C ALA B 221 -0.12 31.38 8.25
N ILE B 222 -0.73 30.69 9.21
CA ILE B 222 -0.98 31.29 10.52
C ILE B 222 0.33 31.58 11.23
N LEU B 223 1.28 30.64 11.18
CA LEU B 223 2.60 30.85 11.80
C LEU B 223 3.31 32.02 11.17
N ASN B 224 3.00 32.31 9.91
CA ASN B 224 3.58 33.41 9.15
C ASN B 224 2.88 34.75 9.36
N GLY B 225 1.84 34.79 10.21
CA GLY B 225 1.10 36.02 10.44
C GLY B 225 -0.09 36.24 9.54
N CYS B 226 -0.38 35.30 8.64
CA CYS B 226 -1.44 35.42 7.64
C CYS B 226 -2.62 34.56 8.12
N ALA B 227 -3.53 35.18 8.88
CA ALA B 227 -4.59 34.43 9.54
C ALA B 227 -5.98 35.04 9.31
N TRP B 228 -6.18 35.72 8.17
CA TRP B 228 -7.47 36.36 7.91
C TRP B 228 -8.61 35.35 7.73
N PHE B 229 -8.31 34.10 7.42
CA PHE B 229 -9.33 33.09 7.14
C PHE B 229 -9.81 32.35 8.38
N VAL B 230 -9.24 32.62 9.54
CA VAL B 230 -9.60 31.91 10.76
C VAL B 230 -10.81 32.60 11.39
N LYS B 231 -11.85 31.83 11.69
CA LYS B 231 -13.08 32.28 12.35
C LYS B 231 -13.30 31.44 13.59
N PRO B 232 -14.23 31.83 14.47
CA PRO B 232 -14.59 30.94 15.58
C PRO B 232 -15.28 29.67 15.11
N ASN B 233 -15.86 29.69 13.91
CA ASN B 233 -16.62 28.55 13.40
C ASN B 233 -15.74 27.31 13.27
N ARG B 234 -16.34 26.17 13.55
CA ARG B 234 -15.64 24.88 13.51
C ARG B 234 -16.48 23.88 12.72
N THR B 235 -15.80 23.00 12.00
CA THR B 235 -16.39 21.80 11.42
C THR B 235 -15.70 20.58 12.03
N SER B 236 -16.49 19.64 12.54
CA SER B 236 -15.89 18.47 13.15
C SER B 236 -15.24 17.59 12.08
N VAL B 237 -14.34 16.72 12.53
CA VAL B 237 -13.69 15.81 11.59
C VAL B 237 -14.74 14.94 10.90
N VAL B 238 -15.69 14.39 11.66
CA VAL B 238 -16.70 13.54 11.04
CA VAL B 238 -16.72 13.54 11.07
C VAL B 238 -17.49 14.31 9.98
N SER B 239 -17.88 15.54 10.30
N SER B 239 -17.88 15.54 10.29
CA SER B 239 -18.66 16.33 9.34
CA SER B 239 -18.66 16.33 9.33
C SER B 239 -17.79 16.79 8.16
C SER B 239 -17.82 16.87 8.18
N PHE B 240 -16.55 17.21 8.43
CA PHE B 240 -15.64 17.53 7.32
C PHE B 240 -15.48 16.34 6.38
N ASN B 241 -15.39 15.13 6.93
CA ASN B 241 -15.11 13.98 6.07
C ASN B 241 -16.31 13.63 5.19
N GLU B 242 -17.55 13.84 5.65
CA GLU B 242 -18.66 13.65 4.71
C GLU B 242 -18.61 14.68 3.58
N TRP B 243 -18.21 15.91 3.91
CA TRP B 243 -18.07 16.96 2.89
C TRP B 243 -16.95 16.63 1.91
N ALA B 244 -15.84 16.08 2.42
CA ALA B 244 -14.69 15.79 1.57
C ALA B 244 -15.04 14.78 0.48
N LEU B 245 -15.82 13.76 0.84
CA LEU B 245 -16.24 12.75 -0.13
C LEU B 245 -17.05 13.36 -1.25
N ALA B 246 -17.73 14.48 -0.97
CA ALA B 246 -18.55 15.15 -1.96
C ALA B 246 -17.79 16.21 -2.74
N ASN B 247 -16.53 16.48 -2.37
CA ASN B 247 -15.81 17.61 -2.98
C ASN B 247 -14.38 17.27 -3.38
N GLN B 248 -14.06 15.99 -3.55
CA GLN B 248 -12.77 15.56 -4.12
C GLN B 248 -11.60 15.93 -3.20
N PHE B 249 -11.83 15.85 -1.88
CA PHE B 249 -10.80 15.91 -0.86
C PHE B 249 -10.67 14.55 -0.20
N THR B 250 -9.45 14.21 0.22
CA THR B 250 -9.27 13.03 1.06
C THR B 250 -9.91 13.26 2.41
N GLU B 251 -10.27 12.16 3.06
CA GLU B 251 -10.74 12.24 4.44
C GLU B 251 -9.59 12.61 5.38
N PHE B 252 -9.89 13.49 6.34
CA PHE B 252 -8.87 13.99 7.26
C PHE B 252 -8.67 13.02 8.40
N VAL B 253 -7.41 12.68 8.68
CA VAL B 253 -7.06 11.88 9.85
C VAL B 253 -5.93 12.61 10.58
N GLY B 254 -6.20 13.05 11.80
CA GLY B 254 -5.24 13.81 12.57
C GLY B 254 -4.04 12.98 13.00
N THR B 255 -2.92 13.67 13.23
CA THR B 255 -1.69 13.04 13.68
C THR B 255 -1.07 13.92 14.76
N GLN B 256 -0.08 13.35 15.48
CA GLN B 256 0.61 14.16 16.49
C GLN B 256 1.32 15.36 15.85
N SER B 257 1.75 15.24 14.59
CA SER B 257 2.38 16.36 13.90
CA SER B 257 2.39 16.37 13.92
C SER B 257 1.41 17.50 13.68
N VAL B 258 0.17 17.19 13.28
CA VAL B 258 -0.83 18.24 13.16
C VAL B 258 -1.14 18.84 14.52
N ASP B 259 -1.24 17.98 15.55
CA ASP B 259 -1.55 18.47 16.89
C ASP B 259 -0.53 19.50 17.37
N MET B 260 0.74 19.29 17.04
CA MET B 260 1.77 20.23 17.45
C MET B 260 1.58 21.59 16.80
N LEU B 261 1.04 21.61 15.57
CA LEU B 261 0.79 22.89 14.91
C LEU B 261 -0.39 23.62 15.54
N ALA B 262 -1.39 22.87 16.00
CA ALA B 262 -2.53 23.51 16.65
C ALA B 262 -2.14 24.11 18.00
N VAL B 263 -1.34 23.39 18.78
CA VAL B 263 -0.86 23.93 20.05
C VAL B 263 -0.04 25.20 19.80
N LYS B 264 0.85 25.17 18.81
CA LYS B 264 1.72 26.32 18.60
C LYS B 264 0.94 27.54 18.17
N THR B 265 -0.03 27.38 17.27
CA THR B 265 -0.78 28.52 16.75
C THR B 265 -2.00 28.86 17.58
N GLY B 266 -2.43 27.98 18.47
CA GLY B 266 -3.69 28.19 19.18
C GLY B 266 -4.92 28.15 18.32
N VAL B 267 -4.83 27.55 17.13
CA VAL B 267 -5.97 27.43 16.23
C VAL B 267 -6.30 25.95 16.12
N ALA B 268 -7.56 25.61 16.37
CA ALA B 268 -7.97 24.22 16.42
C ALA B 268 -8.08 23.66 15.00
N ILE B 269 -7.86 22.34 14.89
CA ILE B 269 -8.01 21.66 13.59
C ILE B 269 -9.36 21.94 12.99
N GLU B 270 -10.41 21.91 13.83
CA GLU B 270 -11.77 22.07 13.34
C GLU B 270 -12.02 23.47 12.79
N GLN B 271 -11.27 24.46 13.28
CA GLN B 271 -11.37 25.81 12.71
C GLN B 271 -10.86 25.84 11.27
N LEU B 272 -9.78 25.10 11.00
CA LEU B 272 -9.23 25.05 9.65
C LEU B 272 -10.07 24.18 8.72
N LEU B 273 -10.68 23.11 9.24
CA LEU B 273 -11.61 22.33 8.43
C LEU B 273 -12.74 23.22 7.94
N TYR B 274 -13.30 24.04 8.83
CA TYR B 274 -14.32 24.98 8.41
C TYR B 274 -13.77 25.95 7.37
N ALA B 275 -12.55 26.44 7.59
CA ALA B 275 -11.97 27.40 6.64
C ALA B 275 -11.81 26.79 5.25
N ILE B 276 -11.39 25.52 5.19
CA ILE B 276 -11.16 24.87 3.91
C ILE B 276 -12.45 24.84 3.10
N GLN B 277 -13.55 24.47 3.76
CA GLN B 277 -14.86 24.42 3.09
C GLN B 277 -15.20 25.77 2.46
N GLN B 278 -14.95 26.86 3.18
CA GLN B 278 -15.24 28.17 2.62
C GLN B 278 -14.25 28.53 1.51
N LEU B 279 -12.96 28.36 1.79
CA LEU B 279 -11.93 28.75 0.82
C LEU B 279 -12.08 27.99 -0.49
N TYR B 280 -12.49 26.72 -0.42
CA TYR B 280 -12.65 25.91 -1.62
C TYR B 280 -13.66 26.53 -2.59
N THR B 281 -14.64 27.28 -2.08
CA THR B 281 -15.57 27.96 -2.97
C THR B 281 -14.96 29.23 -3.58
N GLY B 282 -13.82 29.69 -3.08
CA GLY B 282 -13.12 30.83 -3.65
C GLY B 282 -12.45 31.64 -2.57
N PHE B 283 -11.31 32.24 -2.92
CA PHE B 283 -10.54 33.05 -1.99
C PHE B 283 -11.04 34.49 -1.90
N GLN B 284 -12.03 34.86 -2.73
CA GLN B 284 -12.63 36.19 -2.71
C GLN B 284 -11.61 37.26 -3.04
N GLY B 285 -10.76 36.97 -4.04
CA GLY B 285 -9.71 37.89 -4.44
C GLY B 285 -8.55 38.00 -3.48
N LYS B 286 -8.58 37.31 -2.35
CA LYS B 286 -7.49 37.41 -1.40
C LYS B 286 -6.45 36.33 -1.71
N GLN B 287 -5.35 36.37 -0.98
CA GLN B 287 -4.28 35.41 -1.15
C GLN B 287 -3.90 34.83 0.19
N ILE B 288 -3.41 33.59 0.15
CA ILE B 288 -2.79 32.95 1.30
C ILE B 288 -1.39 32.51 0.87
N LEU B 289 -0.37 32.99 1.59
CA LEU B 289 1.01 32.61 1.28
C LEU B 289 1.32 32.80 -0.20
N GLY B 290 0.80 33.88 -0.78
CA GLY B 290 1.00 34.21 -2.17
C GLY B 290 0.21 33.38 -3.17
N SER B 291 -0.69 32.51 -2.73
CA SER B 291 -1.51 31.68 -3.61
C SER B 291 -2.96 32.13 -3.58
N THR B 292 -3.67 31.85 -4.67
CA THR B 292 -5.12 32.01 -4.72
C THR B 292 -5.83 30.66 -4.76
N MET B 293 -5.09 29.56 -4.56
CA MET B 293 -5.66 28.22 -4.51
C MET B 293 -5.08 27.48 -3.31
N LEU B 294 -5.80 26.44 -2.88
CA LEU B 294 -5.36 25.61 -1.78
C LEU B 294 -4.12 24.81 -2.19
N GLU B 295 -3.15 24.75 -1.31
CA GLU B 295 -1.89 24.07 -1.55
C GLU B 295 -1.84 22.79 -0.72
N ASP B 296 -1.56 21.64 -1.36
CA ASP B 296 -1.55 20.40 -0.59
C ASP B 296 -0.24 19.64 -0.77
N GLU B 297 0.81 20.29 -1.23
CA GLU B 297 2.09 19.63 -1.44
C GLU B 297 3.07 19.81 -0.29
N PHE B 298 2.65 20.39 0.85
CA PHE B 298 3.48 20.47 2.04
C PHE B 298 2.83 19.70 3.18
N THR B 299 3.60 18.94 3.91
CA THR B 299 3.08 18.06 4.96
C THR B 299 3.17 18.74 6.32
N PRO B 300 2.43 18.23 7.31
CA PRO B 300 2.59 18.76 8.68
C PRO B 300 4.02 18.68 9.17
N GLU B 301 4.75 17.63 8.78
CA GLU B 301 6.15 17.51 9.18
C GLU B 301 7.00 18.58 8.51
N ASP B 302 6.75 18.86 7.23
CA ASP B 302 7.43 19.98 6.56
C ASP B 302 7.28 21.26 7.38
N VAL B 303 6.05 21.58 7.79
CA VAL B 303 5.81 22.84 8.50
C VAL B 303 6.49 22.84 9.87
N ASN B 304 6.34 21.74 10.62
CA ASN B 304 6.99 21.63 11.92
C ASN B 304 8.50 21.82 11.80
N MET B 305 9.11 21.16 10.82
CA MET B 305 10.57 21.18 10.68
C MET B 305 11.05 22.52 10.11
N GLN B 306 10.48 22.97 9.00
CA GLN B 306 11.08 24.11 8.31
C GLN B 306 10.76 25.43 8.98
N ILE B 307 9.59 25.55 9.61
CA ILE B 307 9.14 26.81 10.21
C ILE B 307 9.38 26.83 11.72
N MET B 308 9.06 25.75 12.43
CA MET B 308 9.28 25.71 13.88
C MET B 308 10.59 25.06 14.28
N GLY B 309 11.35 24.51 13.33
CA GLY B 309 12.62 23.88 13.66
C GLY B 309 12.52 22.70 14.59
N VAL B 310 11.71 21.71 14.21
CA VAL B 310 11.32 20.59 15.07
C VAL B 310 11.26 19.34 14.19
N VAL B 311 12.13 18.37 14.43
CA VAL B 311 12.14 17.15 13.62
C VAL B 311 11.04 16.20 14.08
#